data_2NTZ
#
_entry.id   2NTZ
#
_cell.length_a   144.420
_cell.length_b   144.420
_cell.length_c   78.880
_cell.angle_alpha   90.00
_cell.angle_beta   90.00
_cell.angle_gamma   120.00
#
_symmetry.space_group_name_H-M   'P 31 2 1'
#
loop_
_entity.id
_entity.type
_entity.pdbx_description
1 polymer "5'-D(*CP*GP*TP*GP*AP*AP*AP*TP*CP*GP*CP*CP*AP*CP*GP*A)-3'"
2 polymer "5'-D(*TP*CP*GP*TP*GP*GP*CP*GP*AP*TP*TP*TP*CP*AP*CP*G)-3'"
3 polymer ParB
#
loop_
_entity_poly.entity_id
_entity_poly.type
_entity_poly.pdbx_seq_one_letter_code
_entity_poly.pdbx_strand_id
1 'polydeoxyribonucleotide' (DC)(DG)(DT)(DG)(DA)(DA)(DA)(DT)(DC)(DG)(DC)(DC)(DA)(DC)(DG)(DA) Y,E
2 'polydeoxyribonucleotide' (DT)(DC)(DG)(DT)(DG)(DG)(DC)(DG)(DA)(DT)(DT)(DT)(DC)(DA)(DC)(DG) W,U
3 'polypeptide(L)'
;DVQTALQHSIREIGLRL(MSE)R(MSE)KNDG(MSE)SQKDIAAKEGLSQAKVTRALQAASAPEELVALFPVQSELTFSD
YKTLCAVGDE(MSE)GNKNLEFDQLIQNISPEINDILSIEE(MSE)AEDEVKNKILRLITKEASLLTDKGSKDKSVVTEL
WKFEDKDRFARKRVKGRAFSYEFNRLSKELQEELDR(MSE)IGHILRKSLDKKPKP
;
A,B
#
loop_
_chem_comp.id
_chem_comp.type
_chem_comp.name
_chem_comp.formula
DA DNA linking 2'-DEOXYADENOSINE-5'-MONOPHOSPHATE 'C10 H14 N5 O6 P'
DC DNA linking 2'-DEOXYCYTIDINE-5'-MONOPHOSPHATE 'C9 H14 N3 O7 P'
DG DNA linking 2'-DEOXYGUANOSINE-5'-MONOPHOSPHATE 'C10 H14 N5 O7 P'
DT DNA linking THYMIDINE-5'-MONOPHOSPHATE 'C10 H15 N2 O8 P'
#
# COMPACT_ATOMS: atom_id res chain seq x y z
N GLN E 3 3.25 53.95 -37.88
CA GLN E 3 3.43 54.66 -36.57
C GLN E 3 2.36 54.20 -35.55
N THR E 4 2.75 53.79 -34.34
CA THR E 4 1.75 53.40 -33.31
C THR E 4 2.13 53.76 -31.86
N ALA E 5 1.19 54.31 -31.10
CA ALA E 5 1.41 54.65 -29.67
C ALA E 5 0.34 55.38 -28.80
N LEU E 6 0.32 54.94 -27.53
CA LEU E 6 -0.49 55.29 -26.35
C LEU E 6 -1.74 54.43 -26.18
N GLN E 7 -1.90 53.92 -24.96
CA GLN E 7 -2.99 53.00 -24.65
C GLN E 7 -4.01 53.34 -23.56
N HIS E 8 -4.25 52.30 -22.77
CA HIS E 8 -5.16 52.24 -21.63
C HIS E 8 -5.59 50.78 -21.48
N SER E 9 -5.32 49.91 -22.46
CA SER E 9 -5.63 48.54 -22.10
C SER E 9 -4.51 48.76 -21.07
N ILE E 10 -4.81 48.53 -19.80
CA ILE E 10 -3.81 48.81 -18.79
C ILE E 10 -2.53 48.05 -19.10
N ARG E 11 -2.69 46.78 -19.45
CA ARG E 11 -1.60 45.87 -19.76
C ARG E 11 -0.55 46.39 -20.75
N GLU E 12 -0.97 47.16 -21.74
CA GLU E 12 -0.01 47.65 -22.73
C GLU E 12 0.97 48.58 -22.05
N ILE E 13 0.43 49.59 -21.37
CA ILE E 13 1.23 50.58 -20.68
C ILE E 13 2.43 49.85 -20.11
N GLY E 14 2.16 48.72 -19.49
CA GLY E 14 3.23 47.94 -18.92
C GLY E 14 4.37 47.86 -19.91
N LEU E 15 4.17 47.11 -20.99
CA LEU E 15 5.18 46.91 -22.02
C LEU E 15 6.17 48.08 -22.16
N ARG E 16 5.64 49.27 -22.42
CA ARG E 16 6.49 50.46 -22.58
C ARG E 16 7.32 50.66 -21.33
N LEU E 17 6.64 50.80 -20.21
CA LEU E 17 7.28 50.99 -18.93
C LEU E 17 8.27 49.83 -18.75
N MSE E 18 8.00 48.71 -19.40
CA MSE E 18 8.87 47.53 -19.31
C MSE E 18 10.10 47.74 -20.16
O MSE E 18 11.19 47.26 -19.85
CB MSE E 18 8.11 46.29 -19.79
CG MSE E 18 7.83 45.27 -18.69
SE MSE E 18 9.35 44.14 -18.34
CE MSE E 18 10.40 45.35 -17.27
N ARG E 19 9.91 48.44 -21.27
CA ARG E 19 11.00 48.75 -22.17
C ARG E 19 11.95 49.55 -21.29
N MSE E 20 11.40 50.63 -20.75
CA MSE E 20 12.13 51.53 -19.89
C MSE E 20 12.75 50.86 -18.67
O MSE E 20 13.94 51.04 -18.39
CB MSE E 20 11.21 52.65 -19.46
CG MSE E 20 10.41 53.21 -20.60
SE MSE E 20 9.41 54.69 -19.99
CE MSE E 20 10.64 56.10 -20.53
N LYS E 21 11.94 50.11 -17.93
CA LYS E 21 12.45 49.44 -16.72
C LYS E 21 13.70 48.64 -17.05
N ASN E 22 13.79 48.16 -18.28
CA ASN E 22 14.95 47.37 -18.69
C ASN E 22 16.22 48.22 -18.82
N ASP E 23 16.05 49.50 -19.15
CA ASP E 23 17.18 50.42 -19.28
C ASP E 23 17.64 50.92 -17.92
N GLY E 24 17.36 50.13 -16.88
CA GLY E 24 17.74 50.50 -15.52
C GLY E 24 17.13 51.80 -15.08
N MSE E 25 15.81 51.82 -14.93
CA MSE E 25 15.11 53.03 -14.48
C MSE E 25 14.16 52.66 -13.35
O MSE E 25 13.21 51.90 -13.54
CB MSE E 25 14.31 53.66 -15.64
CG MSE E 25 15.10 53.83 -16.96
SE MSE E 25 14.68 55.43 -18.04
CE MSE E 25 12.75 55.34 -18.02
N SER E 26 14.41 53.18 -12.15
CA SER E 26 13.53 52.88 -11.05
C SER E 26 12.11 53.21 -11.46
N GLN E 27 11.19 52.35 -11.07
CA GLN E 27 9.79 52.59 -11.37
C GLN E 27 9.43 53.92 -10.73
N LYS E 28 10.07 54.22 -9.60
CA LYS E 28 9.82 55.48 -8.90
C LYS E 28 10.11 56.61 -9.88
N ASP E 29 11.18 56.46 -10.65
CA ASP E 29 11.55 57.48 -11.62
C ASP E 29 10.46 57.52 -12.66
N ILE E 30 10.15 56.32 -13.15
CA ILE E 30 9.12 56.21 -14.14
C ILE E 30 7.85 56.87 -13.68
N ALA E 31 7.38 56.57 -12.49
CA ALA E 31 6.15 57.20 -12.07
C ALA E 31 6.18 58.72 -12.19
N ALA E 32 7.33 59.28 -12.56
CA ALA E 32 7.45 60.73 -12.74
C ALA E 32 7.72 61.02 -14.21
N LYS E 33 8.78 60.42 -14.74
CA LYS E 33 9.12 60.60 -16.15
C LYS E 33 7.81 60.67 -16.92
N GLU E 34 7.00 59.63 -16.77
CA GLU E 34 5.71 59.50 -17.43
C GLU E 34 4.56 60.16 -16.65
N GLY E 35 4.79 60.42 -15.36
CA GLY E 35 3.77 61.09 -14.56
C GLY E 35 2.64 60.29 -14.00
N LEU E 36 2.96 59.15 -13.38
CA LEU E 36 1.96 58.28 -12.75
C LEU E 36 2.33 57.93 -11.29
N SER E 37 1.39 57.27 -10.58
CA SER E 37 1.57 56.86 -9.19
C SER E 37 2.29 55.53 -8.97
N GLN E 38 3.44 55.61 -8.33
CA GLN E 38 4.26 54.44 -8.05
C GLN E 38 3.46 53.19 -7.88
N ALA E 39 2.34 53.30 -7.17
CA ALA E 39 1.46 52.17 -6.96
C ALA E 39 1.15 51.61 -8.32
N LYS E 40 0.28 52.31 -9.04
CA LYS E 40 -0.13 51.92 -10.38
C LYS E 40 1.07 51.50 -11.23
N VAL E 41 2.10 52.32 -11.28
CA VAL E 41 3.24 51.91 -12.08
C VAL E 41 3.62 50.47 -11.77
N THR E 42 3.32 50.00 -10.56
CA THR E 42 3.67 48.60 -10.28
C THR E 42 2.53 47.77 -10.79
N ARG E 43 1.31 48.23 -10.51
CA ARG E 43 0.09 47.56 -10.93
C ARG E 43 0.21 47.40 -12.43
N ALA E 44 0.65 48.46 -13.08
CA ALA E 44 0.85 48.39 -14.51
C ALA E 44 1.77 47.18 -14.67
N LEU E 45 3.06 47.42 -14.56
CA LEU E 45 4.06 46.37 -14.67
C LEU E 45 3.53 45.00 -14.24
N GLN E 46 2.87 44.98 -13.09
CA GLN E 46 2.34 43.73 -12.56
C GLN E 46 1.59 42.99 -13.66
N ALA E 47 0.70 43.67 -14.39
CA ALA E 47 -0.08 43.04 -15.47
C ALA E 47 0.75 42.80 -16.71
N ALA E 48 1.60 43.75 -17.03
CA ALA E 48 2.46 43.59 -18.19
C ALA E 48 3.18 42.24 -18.10
N SER E 49 3.18 41.62 -16.92
CA SER E 49 3.88 40.35 -16.78
C SER E 49 2.95 39.15 -16.83
N ALA E 50 1.66 39.42 -17.00
CA ALA E 50 0.69 38.33 -17.05
C ALA E 50 1.06 37.41 -18.22
N PRO E 51 1.17 36.09 -17.95
CA PRO E 51 1.52 35.05 -18.95
C PRO E 51 0.86 35.15 -20.32
N GLU E 52 1.67 35.50 -21.31
CA GLU E 52 1.27 35.68 -22.73
C GLU E 52 0.30 34.61 -23.22
N GLU E 53 0.70 33.36 -23.03
CA GLU E 53 -0.11 32.20 -23.39
C GLU E 53 -1.49 32.36 -22.75
N LEU E 54 -1.54 32.33 -21.42
CA LEU E 54 -2.81 32.46 -20.70
C LEU E 54 -3.54 33.75 -21.07
N VAL E 55 -2.76 34.71 -21.53
CA VAL E 55 -3.30 35.98 -21.95
C VAL E 55 -4.20 35.67 -23.13
N ALA E 56 -3.73 34.74 -23.95
CA ALA E 56 -4.41 34.28 -25.17
C ALA E 56 -5.81 33.72 -24.96
N LEU E 57 -5.88 32.56 -24.31
CA LEU E 57 -7.14 31.87 -24.06
C LEU E 57 -8.33 32.81 -24.00
N PHE E 58 -8.08 34.07 -23.65
CA PHE E 58 -9.16 35.03 -23.59
C PHE E 58 -9.49 35.62 -24.94
N PRO E 59 -10.78 35.86 -25.19
CA PRO E 59 -11.25 36.43 -26.45
C PRO E 59 -10.98 37.93 -26.41
N VAL E 60 -11.74 38.62 -25.57
CA VAL E 60 -11.61 40.07 -25.40
C VAL E 60 -10.75 40.41 -24.18
N GLN E 61 -9.44 40.32 -24.39
CA GLN E 61 -8.47 40.62 -23.34
C GLN E 61 -8.71 42.02 -22.81
N SER E 62 -9.69 42.69 -23.40
CA SER E 62 -10.05 44.02 -22.99
C SER E 62 -11.02 43.94 -21.84
N GLU E 63 -11.73 42.82 -21.73
CA GLU E 63 -12.66 42.73 -20.63
C GLU E 63 -11.98 42.12 -19.41
N LEU E 64 -10.66 42.15 -19.43
CA LEU E 64 -9.87 41.62 -18.33
C LEU E 64 -9.58 42.66 -17.28
N THR E 65 -10.05 42.40 -16.07
CA THR E 65 -9.84 43.29 -14.94
C THR E 65 -8.49 43.04 -14.27
N PHE E 66 -7.87 44.12 -13.77
CA PHE E 66 -6.58 44.00 -13.09
C PHE E 66 -6.72 42.85 -12.11
N SER E 67 -7.60 43.07 -11.14
CA SER E 67 -7.89 42.09 -10.12
C SER E 67 -7.63 40.66 -10.64
N ASP E 68 -7.99 40.43 -11.91
CA ASP E 68 -7.84 39.14 -12.59
C ASP E 68 -6.42 38.93 -13.04
N TYR E 69 -5.96 39.89 -13.82
CA TYR E 69 -4.59 39.90 -14.28
C TYR E 69 -3.67 39.44 -13.13
N LYS E 70 -3.88 40.00 -11.94
CA LYS E 70 -3.07 39.60 -10.81
C LYS E 70 -3.28 38.09 -10.80
N THR E 71 -4.43 37.68 -10.28
CA THR E 71 -4.80 36.27 -10.17
C THR E 71 -4.39 35.45 -11.38
N LEU E 72 -3.77 36.12 -12.34
CA LEU E 72 -3.30 35.43 -13.54
C LEU E 72 -1.80 35.17 -13.53
N CYS E 73 -0.97 36.20 -13.42
CA CYS E 73 0.48 35.96 -13.37
C CYS E 73 0.66 35.16 -12.08
N ALA E 74 -0.28 35.37 -11.18
CA ALA E 74 -0.31 34.62 -9.95
C ALA E 74 -0.21 33.22 -10.51
N VAL E 75 -1.21 32.85 -11.28
CA VAL E 75 -1.24 31.55 -11.89
C VAL E 75 -0.05 31.32 -12.84
N GLY E 76 0.50 32.40 -13.34
CA GLY E 76 1.63 32.25 -14.22
C GLY E 76 2.64 31.37 -13.53
N ASP E 77 3.38 31.96 -12.59
CA ASP E 77 4.40 31.24 -11.86
C ASP E 77 3.94 30.13 -10.93
N GLU E 78 2.91 30.37 -10.12
CA GLU E 78 2.37 29.40 -9.15
C GLU E 78 2.42 27.96 -9.63
N MSE E 79 2.93 27.76 -10.83
CA MSE E 79 3.02 26.44 -11.43
C MSE E 79 4.36 26.25 -12.15
O MSE E 79 4.40 25.89 -13.32
CB MSE E 79 1.85 26.32 -12.40
CG MSE E 79 1.72 25.06 -13.16
SE MSE E 79 0.45 25.51 -14.49
CE MSE E 79 1.60 26.52 -15.69
N GLY E 80 5.46 26.51 -11.44
CA GLY E 80 6.78 26.36 -12.03
C GLY E 80 7.13 27.44 -13.06
N ASN E 81 6.10 27.94 -13.74
CA ASN E 81 6.26 28.96 -14.76
C ASN E 81 7.48 28.71 -15.66
N LEU E 84 6.00 23.26 -20.90
CA LEU E 84 5.19 22.05 -20.82
C LEU E 84 4.01 22.28 -19.90
N GLU E 85 4.26 23.07 -18.85
CA GLU E 85 3.25 23.39 -17.86
C GLU E 85 2.10 24.18 -18.49
N PHE E 86 2.43 25.27 -19.19
CA PHE E 86 1.41 26.09 -19.84
C PHE E 86 0.69 25.33 -20.95
N ASP E 87 1.45 24.69 -21.82
CA ASP E 87 0.86 23.94 -22.91
C ASP E 87 -0.17 22.91 -22.50
N GLN E 88 0.23 21.92 -21.70
CA GLN E 88 -0.68 20.87 -21.23
C GLN E 88 -1.97 21.47 -20.64
N LEU E 89 -1.81 22.52 -19.85
CA LEU E 89 -2.95 23.20 -19.24
C LEU E 89 -3.86 23.78 -20.32
N ILE E 90 -3.29 24.53 -21.26
CA ILE E 90 -4.08 25.10 -22.34
C ILE E 90 -4.94 24.00 -22.94
N GLN E 91 -4.48 22.76 -22.78
CA GLN E 91 -5.17 21.59 -23.30
C GLN E 91 -6.34 21.13 -22.45
N ASN E 92 -6.02 20.47 -21.33
CA ASN E 92 -7.04 19.95 -20.42
C ASN E 92 -8.31 20.80 -20.42
N ILE E 93 -8.16 22.11 -20.61
CA ILE E 93 -9.29 23.02 -20.65
C ILE E 93 -9.81 23.35 -22.06
N SER E 94 -8.89 23.49 -23.00
CA SER E 94 -9.22 23.83 -24.39
C SER E 94 -10.64 23.43 -24.80
N PRO E 95 -11.06 22.20 -24.46
CA PRO E 95 -12.42 21.83 -24.86
C PRO E 95 -13.42 22.71 -24.13
N GLU E 96 -13.60 22.49 -22.83
CA GLU E 96 -14.56 23.25 -22.04
C GLU E 96 -14.35 24.74 -22.19
N ILE E 97 -13.18 25.13 -22.67
CA ILE E 97 -12.88 26.55 -22.86
C ILE E 97 -13.63 27.01 -24.10
N ASN E 98 -13.39 26.27 -25.18
CA ASN E 98 -14.01 26.53 -26.46
C ASN E 98 -15.49 26.14 -26.34
N ASP E 99 -15.76 25.08 -25.56
CA ASP E 99 -17.10 24.58 -25.30
C ASP E 99 -17.92 25.70 -24.68
N ILE E 100 -17.33 26.87 -24.56
CA ILE E 100 -18.05 27.98 -23.98
C ILE E 100 -18.23 29.07 -25.03
N LEU E 101 -17.34 29.10 -26.04
CA LEU E 101 -17.45 30.09 -27.10
C LEU E 101 -18.77 29.83 -27.83
N SER E 102 -19.17 28.58 -27.84
CA SER E 102 -20.41 28.19 -28.48
C SER E 102 -21.54 28.93 -27.78
N ILE E 103 -22.02 28.33 -26.68
CA ILE E 103 -23.11 28.89 -25.91
C ILE E 103 -23.55 30.28 -26.38
N GLU E 104 -24.60 30.28 -27.18
CA GLU E 104 -25.17 31.47 -27.79
C GLU E 104 -25.06 32.78 -26.99
N GLU E 105 -25.98 33.01 -26.05
CA GLU E 105 -25.96 34.25 -25.29
C GLU E 105 -25.05 34.29 -24.07
N MSE E 106 -24.05 35.16 -24.18
CA MSE E 106 -23.05 35.44 -23.16
C MSE E 106 -21.81 35.99 -23.86
O MSE E 106 -21.21 35.31 -24.69
CB MSE E 106 -22.68 34.19 -22.33
CG MSE E 106 -22.11 32.99 -23.09
SE MSE E 106 -21.19 31.69 -21.91
CE MSE E 106 -22.27 31.93 -20.29
N ALA E 107 -21.47 37.24 -23.55
CA ALA E 107 -20.31 37.91 -24.12
C ALA E 107 -19.25 38.09 -23.04
N GLU E 108 -18.41 39.12 -23.18
CA GLU E 108 -17.36 39.36 -22.19
C GLU E 108 -17.98 39.84 -20.86
N ASP E 109 -18.64 38.92 -20.17
CA ASP E 109 -19.31 39.22 -18.90
C ASP E 109 -19.17 38.03 -17.96
N GLU E 110 -19.50 36.85 -18.45
CA GLU E 110 -19.38 35.62 -17.66
C GLU E 110 -18.46 34.69 -18.40
N VAL E 111 -17.76 35.22 -19.39
CA VAL E 111 -16.81 34.40 -20.12
C VAL E 111 -15.65 34.29 -19.13
N LYS E 112 -15.16 35.45 -18.72
CA LYS E 112 -14.07 35.62 -17.79
C LYS E 112 -14.29 34.68 -16.60
N ASN E 113 -15.29 35.01 -15.78
CA ASN E 113 -15.63 34.27 -14.57
C ASN E 113 -15.75 32.75 -14.68
N LYS E 114 -15.69 32.26 -15.91
CA LYS E 114 -15.78 30.82 -16.15
C LYS E 114 -14.45 30.42 -16.76
N ILE E 115 -14.01 31.16 -17.77
CA ILE E 115 -12.74 30.86 -18.41
C ILE E 115 -11.72 30.90 -17.31
N LEU E 116 -11.82 31.94 -16.49
CA LEU E 116 -10.90 32.11 -15.38
C LEU E 116 -11.09 30.95 -14.44
N ARG E 117 -12.21 30.97 -13.74
CA ARG E 117 -12.56 29.90 -12.79
C ARG E 117 -12.11 28.51 -13.25
N LEU E 118 -11.66 28.38 -14.48
CA LEU E 118 -11.25 27.12 -15.05
C LEU E 118 -9.77 27.05 -15.16
N ILE E 119 -9.23 27.97 -15.96
CA ILE E 119 -7.79 28.07 -16.18
C ILE E 119 -7.05 27.84 -14.85
N THR E 120 -7.37 28.66 -13.85
CA THR E 120 -6.82 28.51 -12.52
C THR E 120 -7.02 27.08 -12.02
N LYS E 121 -8.28 26.68 -11.87
CA LYS E 121 -8.64 25.34 -11.38
C LYS E 121 -7.86 24.23 -12.08
N GLU E 122 -7.92 24.19 -13.40
CA GLU E 122 -7.18 23.17 -14.12
C GLU E 122 -5.72 23.55 -14.19
N ALA E 123 -5.33 24.51 -13.36
CA ALA E 123 -3.93 24.93 -13.34
C ALA E 123 -3.40 24.83 -11.93
N SER E 124 -4.26 24.34 -11.04
CA SER E 124 -3.90 24.19 -9.63
C SER E 124 -3.74 22.70 -9.43
N LEU E 125 -4.46 21.95 -10.24
CA LEU E 125 -4.39 20.52 -10.12
C LEU E 125 -3.07 20.02 -10.68
N LEU E 126 -2.13 20.93 -10.89
CA LEU E 126 -0.81 20.55 -11.42
C LEU E 126 0.35 20.73 -10.44
N THR E 127 0.51 21.94 -9.92
CA THR E 127 1.60 22.28 -8.98
C THR E 127 1.90 21.27 -7.86
N ASP E 128 0.84 20.83 -7.18
CA ASP E 128 0.92 19.88 -6.05
C ASP E 128 1.25 18.40 -6.36
N LYS E 129 1.05 17.98 -7.61
CA LYS E 129 1.30 16.60 -8.02
C LYS E 129 2.65 16.40 -8.72
N LYS E 134 0.10 9.28 -1.77
CA LYS E 134 0.04 9.16 -0.29
C LYS E 134 -1.25 8.68 0.46
N SER E 135 -1.02 7.96 1.54
CA SER E 135 -2.10 7.40 2.35
C SER E 135 -3.26 8.31 2.64
N VAL E 136 -4.43 7.71 2.87
CA VAL E 136 -5.62 8.48 3.21
C VAL E 136 -6.46 7.73 4.27
N VAL E 137 -6.16 7.99 5.53
CA VAL E 137 -6.85 7.33 6.62
C VAL E 137 -8.26 7.86 6.72
N THR E 138 -9.15 7.06 7.30
CA THR E 138 -10.54 7.43 7.46
C THR E 138 -11.03 6.63 8.62
N GLU E 139 -12.06 7.10 9.27
CA GLU E 139 -12.60 6.37 10.41
C GLU E 139 -13.84 5.59 9.99
N LEU E 140 -14.21 4.59 10.79
CA LEU E 140 -15.40 3.82 10.48
C LEU E 140 -16.36 3.91 11.65
N TRP E 141 -15.84 3.70 12.85
CA TRP E 141 -16.69 3.73 14.02
C TRP E 141 -15.89 4.27 15.18
N LYS E 142 -15.75 5.59 15.24
CA LYS E 142 -14.99 6.20 16.33
C LYS E 142 -15.50 5.69 17.68
N PHE E 143 -14.63 5.00 18.41
CA PHE E 143 -14.97 4.43 19.70
C PHE E 143 -14.75 5.41 20.82
N GLU E 144 -14.88 4.90 22.04
CA GLU E 144 -14.68 5.69 23.25
C GLU E 144 -13.33 5.29 23.82
N ASP E 145 -13.02 3.99 23.73
CA ASP E 145 -11.77 3.46 24.23
C ASP E 145 -10.59 4.34 23.87
N LYS E 146 -9.46 4.05 24.49
CA LYS E 146 -8.25 4.81 24.24
C LYS E 146 -7.73 4.56 22.83
N ASP E 147 -7.23 3.35 22.61
CA ASP E 147 -6.65 2.98 21.34
C ASP E 147 -7.43 1.98 20.46
N ARG E 148 -8.69 1.68 20.81
CA ARG E 148 -9.51 0.75 20.01
C ARG E 148 -10.04 1.52 18.80
N PHE E 149 -9.92 0.94 17.60
CA PHE E 149 -10.35 1.64 16.40
C PHE E 149 -10.72 0.77 15.20
N ALA E 150 -11.27 1.42 14.18
CA ALA E 150 -11.66 0.75 12.94
C ALA E 150 -11.51 1.77 11.80
N ARG E 151 -10.44 1.64 11.02
CA ARG E 151 -10.21 2.60 9.94
C ARG E 151 -9.96 2.01 8.54
N LYS E 152 -10.05 2.88 7.54
CA LYS E 152 -9.81 2.48 6.17
C LYS E 152 -8.67 3.38 5.72
N ARG E 153 -7.83 2.91 4.83
CA ARG E 153 -6.68 3.71 4.42
C ARG E 153 -6.44 3.48 2.94
N VAL E 154 -6.16 4.53 2.14
CA VAL E 154 -5.98 4.23 0.71
C VAL E 154 -4.71 4.55 -0.11
N LYS E 155 -3.55 4.60 0.55
CA LYS E 155 -2.25 4.89 -0.09
C LYS E 155 -2.00 4.55 -1.55
N GLY E 156 -3.03 4.49 -2.39
CA GLY E 156 -2.77 4.22 -3.79
C GLY E 156 -3.93 3.57 -4.45
N ARG E 157 -3.60 2.60 -5.29
CA ARG E 157 -4.57 1.79 -6.05
C ARG E 157 -4.71 0.53 -5.19
N ALA E 158 -4.60 0.73 -3.88
CA ALA E 158 -4.64 -0.37 -2.95
C ALA E 158 -5.28 0.10 -1.72
N PHE E 159 -6.28 -0.62 -1.26
CA PHE E 159 -6.94 -0.23 -0.02
C PHE E 159 -6.73 -1.26 1.09
N SER E 160 -7.24 -0.96 2.28
CA SER E 160 -7.04 -1.90 3.33
C SER E 160 -7.79 -1.44 4.53
N TYR E 161 -8.25 -2.38 5.36
CA TYR E 161 -9.01 -2.07 6.56
C TYR E 161 -8.28 -2.42 7.82
N GLU E 162 -8.00 -1.42 8.65
CA GLU E 162 -7.28 -1.59 9.91
C GLU E 162 -8.18 -1.67 11.14
N PHE E 163 -7.80 -2.49 12.12
CA PHE E 163 -8.60 -2.69 13.33
C PHE E 163 -7.85 -2.98 14.60
N ASN E 164 -8.23 -2.32 15.69
CA ASN E 164 -7.54 -2.57 16.95
C ASN E 164 -8.40 -2.97 18.14
N ARG E 165 -8.03 -4.09 18.77
CA ARG E 165 -8.73 -4.63 19.95
C ARG E 165 -10.20 -4.86 19.68
N LEU E 166 -10.55 -6.05 19.22
CA LEU E 166 -11.95 -6.29 18.95
C LEU E 166 -12.44 -7.71 19.17
N SER E 167 -13.73 -7.79 19.45
CA SER E 167 -14.40 -9.07 19.71
C SER E 167 -14.16 -10.10 18.62
N LYS E 168 -13.54 -11.22 19.01
CA LYS E 168 -13.25 -12.30 18.08
C LYS E 168 -14.48 -12.67 17.24
N GLU E 169 -15.64 -12.18 17.66
CA GLU E 169 -16.87 -12.42 16.92
C GLU E 169 -16.73 -11.57 15.66
N LEU E 170 -16.38 -10.30 15.86
CA LEU E 170 -16.21 -9.32 14.79
C LEU E 170 -15.32 -9.89 13.72
N GLN E 171 -14.11 -10.31 14.10
CA GLN E 171 -13.18 -10.89 13.15
C GLN E 171 -13.87 -11.94 12.28
N GLU E 172 -14.02 -13.16 12.82
CA GLU E 172 -14.64 -14.27 12.11
C GLU E 172 -15.69 -13.73 11.15
N GLU E 173 -16.62 -12.95 11.71
CA GLU E 173 -17.69 -12.33 10.96
C GLU E 173 -17.14 -11.84 9.63
N LEU E 174 -16.20 -10.89 9.71
CA LEU E 174 -15.57 -10.31 8.52
C LEU E 174 -14.84 -11.40 7.76
N ASP E 175 -13.88 -12.02 8.46
CA ASP E 175 -13.07 -13.08 7.89
C ASP E 175 -13.94 -13.89 6.96
N ARG E 176 -14.93 -14.56 7.48
CA ARG E 176 -15.83 -15.33 6.62
C ARG E 176 -16.55 -14.43 5.58
N MSE E 177 -17.07 -13.30 6.03
CA MSE E 177 -17.77 -12.40 5.13
C MSE E 177 -16.89 -11.86 3.98
O MSE E 177 -17.35 -11.71 2.85
CB MSE E 177 -18.33 -11.23 5.92
CG MSE E 177 -19.40 -11.60 6.94
SE MSE E 177 -20.71 -12.60 6.28
CE MSE E 177 -21.01 -11.92 4.49
N ILE E 178 -15.64 -11.55 4.29
CA ILE E 178 -14.77 -11.02 3.26
C ILE E 178 -14.61 -12.15 2.24
N GLY E 179 -14.42 -13.36 2.75
CA GLY E 179 -14.26 -14.51 1.87
C GLY E 179 -15.56 -14.77 1.11
N HIS E 180 -16.67 -14.45 1.76
CA HIS E 180 -17.94 -14.62 1.11
C HIS E 180 -17.74 -13.79 -0.15
N ILE E 181 -17.73 -12.46 0.06
CA ILE E 181 -17.61 -11.48 -1.01
C ILE E 181 -16.60 -11.79 -2.08
N LEU E 182 -15.39 -12.05 -1.64
CA LEU E 182 -14.34 -12.37 -2.55
C LEU E 182 -14.83 -13.45 -3.55
N ARG E 183 -15.19 -14.60 -2.97
CA ARG E 183 -15.66 -15.80 -3.66
C ARG E 183 -16.64 -15.44 -4.78
N LYS E 184 -17.56 -14.51 -4.49
CA LYS E 184 -18.55 -14.08 -5.46
C LYS E 184 -17.93 -13.74 -6.75
N SER E 185 -16.70 -13.26 -6.74
CA SER E 185 -16.11 -13.00 -8.07
C SER E 185 -16.31 -14.04 -9.23
N LEU E 186 -16.43 -15.35 -9.05
CA LEU E 186 -16.52 -16.20 -10.31
C LEU E 186 -16.73 -17.80 -10.35
N ASP E 187 -17.73 -18.13 -11.16
CA ASP E 187 -18.29 -19.46 -11.45
C ASP E 187 -18.48 -19.84 -12.95
N LYS E 188 -17.65 -20.79 -13.37
CA LYS E 188 -17.57 -21.31 -14.74
C LYS E 188 -18.41 -22.58 -14.96
N LYS E 189 -19.09 -22.72 -16.11
CA LYS E 189 -19.88 -23.96 -16.37
C LYS E 189 -19.21 -24.70 -17.58
N PRO E 190 -19.88 -25.70 -18.30
CA PRO E 190 -21.04 -26.57 -18.65
C PRO E 190 -20.58 -28.04 -18.88
N LYS E 191 -21.56 -28.85 -19.34
CA LYS E 191 -21.46 -30.26 -19.80
C LYS E 191 -21.98 -31.36 -18.89
N SER F 9 14.46 -44.06 12.97
CA SER F 9 15.10 -45.26 13.58
C SER F 9 15.27 -45.01 15.06
N ILE F 10 16.25 -44.17 15.38
CA ILE F 10 16.54 -43.81 16.76
C ILE F 10 15.29 -43.17 17.36
N ARG F 11 14.45 -42.57 16.52
CA ARG F 11 13.23 -41.91 16.97
C ARG F 11 12.28 -42.89 17.64
N GLU F 12 11.82 -43.88 16.89
CA GLU F 12 10.90 -44.88 17.41
C GLU F 12 11.47 -45.38 18.72
N ILE F 13 12.69 -45.91 18.66
CA ILE F 13 13.37 -46.43 19.83
C ILE F 13 13.24 -45.41 20.95
N GLY F 14 13.12 -44.15 20.56
CA GLY F 14 12.97 -43.07 21.52
C GLY F 14 11.59 -43.02 22.14
N LEU F 15 10.57 -42.87 21.31
CA LEU F 15 9.21 -42.81 21.82
C LEU F 15 8.86 -44.09 22.59
N ARG F 16 9.58 -45.17 22.29
CA ARG F 16 9.37 -46.44 22.95
C ARG F 16 9.98 -46.37 24.36
N LEU F 17 11.18 -45.80 24.45
CA LEU F 17 11.91 -45.63 25.73
C LEU F 17 11.26 -44.52 26.55
N MSE F 18 10.57 -43.61 25.86
CA MSE F 18 9.87 -42.49 26.49
C MSE F 18 8.82 -43.01 27.47
O MSE F 18 8.79 -42.62 28.63
CB MSE F 18 9.19 -41.63 25.42
CG MSE F 18 9.70 -40.20 25.30
SE MSE F 18 9.03 -38.93 26.63
CE MSE F 18 8.16 -37.64 25.44
N ARG F 19 7.95 -43.89 26.97
CA ARG F 19 6.89 -44.49 27.79
C ARG F 19 7.45 -45.09 29.07
N MSE F 20 8.70 -45.53 29.02
CA MSE F 20 9.35 -46.14 30.17
C MSE F 20 10.09 -45.13 31.02
O MSE F 20 10.82 -45.48 31.94
CB MSE F 20 10.27 -47.26 29.68
CG MSE F 20 9.43 -48.28 28.93
SE MSE F 20 10.38 -49.68 28.06
CE MSE F 20 10.67 -48.85 26.34
N LYS F 21 9.86 -43.87 30.69
CA LYS F 21 10.41 -42.74 31.43
C LYS F 21 9.28 -42.37 32.37
N ASN F 22 8.06 -42.54 31.86
CA ASN F 22 6.84 -42.24 32.61
C ASN F 22 6.35 -43.49 33.35
N ASP F 23 6.95 -44.64 33.05
CA ASP F 23 6.63 -45.93 33.69
C ASP F 23 7.22 -45.81 35.11
N GLY F 24 8.24 -44.95 35.25
CA GLY F 24 8.90 -44.75 36.53
C GLY F 24 10.25 -45.44 36.54
N MSE F 25 10.84 -45.53 35.34
CA MSE F 25 12.11 -46.19 35.11
C MSE F 25 13.22 -45.14 34.84
O MSE F 25 13.01 -44.24 34.02
CB MSE F 25 11.95 -47.11 33.89
CG MSE F 25 12.88 -48.32 33.78
SE MSE F 25 12.53 -49.29 32.10
CE MSE F 25 10.64 -49.67 32.37
N SER F 26 14.36 -45.25 35.51
CA SER F 26 15.45 -44.30 35.30
C SER F 26 16.31 -44.77 34.12
N GLN F 27 16.79 -43.82 33.31
CA GLN F 27 17.61 -44.12 32.12
C GLN F 27 18.46 -45.34 32.37
N LYS F 28 19.14 -45.31 33.51
CA LYS F 28 19.99 -46.39 33.94
C LYS F 28 19.33 -47.73 33.60
N ASP F 29 18.36 -48.12 34.42
CA ASP F 29 17.65 -49.39 34.24
C ASP F 29 17.27 -49.70 32.80
N ILE F 30 16.71 -48.71 32.12
CA ILE F 30 16.27 -48.86 30.74
C ILE F 30 17.45 -49.26 29.86
N ALA F 31 18.56 -48.53 29.99
CA ALA F 31 19.75 -48.84 29.21
C ALA F 31 20.03 -50.33 29.38
N ALA F 32 19.53 -50.89 30.48
CA ALA F 32 19.71 -52.30 30.79
C ALA F 32 18.47 -53.10 30.42
N LYS F 33 17.30 -52.48 30.56
CA LYS F 33 16.04 -53.15 30.23
C LYS F 33 15.93 -53.28 28.70
N GLU F 34 17.01 -52.94 28.02
CA GLU F 34 17.10 -53.00 26.56
C GLU F 34 18.51 -53.44 26.06
N GLY F 35 19.48 -53.49 26.98
CA GLY F 35 20.84 -53.88 26.61
C GLY F 35 21.51 -52.79 25.80
N LEU F 36 21.10 -51.55 26.08
CA LEU F 36 21.59 -50.35 25.40
C LEU F 36 22.51 -49.49 26.28
N SER F 37 23.31 -48.65 25.63
CA SER F 37 24.24 -47.76 26.31
C SER F 37 23.55 -46.49 26.82
N GLN F 38 23.84 -46.13 28.05
CA GLN F 38 23.21 -44.95 28.66
C GLN F 38 23.29 -43.74 27.78
N ALA F 39 24.41 -43.58 27.08
CA ALA F 39 24.57 -42.45 26.20
C ALA F 39 23.45 -42.52 25.17
N LYS F 40 23.40 -43.64 24.46
CA LYS F 40 22.39 -43.86 23.44
C LYS F 40 21.03 -43.60 24.02
N VAL F 41 20.93 -43.72 25.34
CA VAL F 41 19.69 -43.47 26.03
C VAL F 41 19.33 -42.00 25.85
N THR F 42 20.18 -41.10 26.36
CA THR F 42 19.93 -39.67 26.22
C THR F 42 19.81 -39.31 24.75
N ARG F 43 20.61 -39.93 23.89
CA ARG F 43 20.50 -39.62 22.48
C ARG F 43 19.06 -39.82 22.03
N ALA F 44 18.58 -41.05 22.18
CA ALA F 44 17.23 -41.43 21.79
C ALA F 44 16.17 -40.54 22.41
N LEU F 45 16.21 -40.39 23.74
CA LEU F 45 15.23 -39.54 24.42
C LEU F 45 15.20 -38.16 23.78
N GLN F 46 16.38 -37.58 23.59
CA GLN F 46 16.48 -36.26 22.99
C GLN F 46 15.82 -36.22 21.61
N ALA F 47 16.11 -37.22 20.78
CA ALA F 47 15.55 -37.28 19.43
C ALA F 47 14.05 -37.50 19.46
N ALA F 48 13.56 -37.98 20.59
CA ALA F 48 12.14 -38.26 20.79
C ALA F 48 11.34 -37.03 21.22
N SER F 49 12.03 -35.95 21.54
CA SER F 49 11.38 -34.72 21.96
C SER F 49 11.12 -33.77 20.78
N ALA F 50 11.85 -33.95 19.68
CA ALA F 50 11.70 -33.12 18.49
C ALA F 50 10.23 -32.97 18.12
N PRO F 51 9.85 -31.81 17.54
CA PRO F 51 8.49 -31.44 17.10
C PRO F 51 7.85 -32.37 16.07
N GLU F 52 6.94 -33.22 16.55
CA GLU F 52 6.23 -34.19 15.69
C GLU F 52 5.79 -33.62 14.34
N GLU F 53 5.02 -32.54 14.39
CA GLU F 53 4.49 -31.89 13.19
C GLU F 53 5.52 -31.84 12.07
N LEU F 54 6.76 -31.59 12.43
CA LEU F 54 7.84 -31.53 11.46
C LEU F 54 8.28 -32.95 11.15
N VAL F 55 8.41 -33.76 12.19
CA VAL F 55 8.82 -35.15 12.03
C VAL F 55 8.01 -35.70 10.88
N ALA F 56 6.70 -35.54 11.01
CA ALA F 56 5.76 -36.02 10.01
C ALA F 56 6.14 -35.54 8.61
N LEU F 57 6.38 -34.24 8.47
CA LEU F 57 6.73 -33.67 7.18
C LEU F 57 7.62 -34.62 6.37
N PHE F 58 8.63 -35.17 7.02
CA PHE F 58 9.54 -36.07 6.34
C PHE F 58 8.91 -37.41 5.99
N PRO F 59 8.87 -37.72 4.68
CA PRO F 59 8.34 -38.89 3.98
C PRO F 59 9.10 -40.21 4.18
N VAL F 60 10.38 -40.13 4.51
CA VAL F 60 11.18 -41.33 4.75
C VAL F 60 11.95 -41.12 6.04
N GLN F 61 11.21 -41.11 7.14
CA GLN F 61 11.76 -40.90 8.47
C GLN F 61 13.01 -41.72 8.81
N SER F 62 13.28 -42.76 8.01
CA SER F 62 14.43 -43.63 8.22
C SER F 62 15.75 -42.99 7.87
N GLU F 63 15.73 -41.99 7.00
CA GLU F 63 16.96 -41.35 6.57
C GLU F 63 17.34 -40.12 7.38
N LEU F 64 16.61 -39.89 8.46
CA LEU F 64 16.90 -38.76 9.34
C LEU F 64 18.11 -39.09 10.20
N THR F 65 19.06 -38.15 10.25
CA THR F 65 20.28 -38.28 11.03
C THR F 65 19.99 -37.76 12.44
N PHE F 66 20.64 -38.34 13.45
CA PHE F 66 20.40 -37.88 14.81
C PHE F 66 20.56 -36.38 14.83
N SER F 67 21.53 -35.89 14.05
CA SER F 67 21.78 -34.46 13.98
C SER F 67 20.49 -33.80 13.49
N ASP F 68 19.82 -34.44 12.55
CA ASP F 68 18.60 -33.89 12.02
C ASP F 68 17.57 -33.71 13.13
N TYR F 69 17.28 -34.77 13.87
CA TYR F 69 16.32 -34.63 14.95
C TYR F 69 16.78 -33.52 15.90
N LYS F 70 18.07 -33.48 16.17
CA LYS F 70 18.64 -32.48 17.05
C LYS F 70 18.38 -31.08 16.49
N THR F 71 18.75 -30.85 15.22
CA THR F 71 18.54 -29.56 14.60
C THR F 71 17.06 -29.25 14.67
N LEU F 72 16.23 -30.29 14.56
CA LEU F 72 14.79 -30.09 14.61
C LEU F 72 14.38 -29.57 15.98
N CYS F 73 14.99 -30.12 17.03
CA CYS F 73 14.67 -29.69 18.38
C CYS F 73 14.97 -28.21 18.47
N ALA F 74 16.04 -27.81 17.77
CA ALA F 74 16.47 -26.42 17.73
C ALA F 74 15.48 -25.53 17.00
N VAL F 75 15.16 -25.91 15.76
CA VAL F 75 14.20 -25.16 14.96
C VAL F 75 12.92 -25.01 15.78
N GLY F 76 12.76 -25.86 16.79
CA GLY F 76 11.60 -25.81 17.65
C GLY F 76 11.68 -24.77 18.77
N ASP F 77 12.70 -24.89 19.62
CA ASP F 77 12.87 -23.96 20.75
C ASP F 77 12.93 -22.52 20.31
N GLU F 78 13.89 -22.23 19.44
CA GLU F 78 14.10 -20.89 18.88
C GLU F 78 12.76 -20.32 18.40
N MSE F 79 11.80 -21.21 18.15
CA MSE F 79 10.48 -20.85 17.67
C MSE F 79 9.44 -20.91 18.78
O MSE F 79 8.25 -20.75 18.53
CB MSE F 79 10.10 -21.80 16.55
CG MSE F 79 8.84 -21.49 15.80
SE MSE F 79 8.74 -22.55 14.17
CE MSE F 79 9.32 -21.21 12.87
N GLY F 80 9.90 -21.13 20.01
CA GLY F 80 8.99 -21.22 21.14
C GLY F 80 8.67 -22.67 21.46
N ASN F 81 7.94 -23.32 20.54
CA ASN F 81 7.53 -24.74 20.60
C ASN F 81 6.01 -25.04 20.53
N LYS F 82 5.16 -24.04 20.25
CA LYS F 82 3.71 -24.30 20.21
C LYS F 82 3.00 -24.44 18.85
N ASN F 83 2.25 -25.54 18.75
CA ASN F 83 1.47 -25.96 17.58
C ASN F 83 1.22 -24.92 16.49
N LEU F 84 0.23 -24.08 16.72
CA LEU F 84 -0.17 -23.05 15.78
C LEU F 84 0.98 -22.38 15.04
N GLU F 85 2.04 -22.03 15.75
CA GLU F 85 3.19 -21.42 15.09
C GLU F 85 3.75 -22.42 14.08
N PHE F 86 3.80 -23.69 14.48
CA PHE F 86 4.28 -24.72 13.57
C PHE F 86 3.40 -24.73 12.36
N ASP F 87 2.13 -25.07 12.57
CA ASP F 87 1.14 -25.12 11.49
C ASP F 87 1.35 -23.90 10.59
N GLN F 88 1.72 -22.78 11.21
CA GLN F 88 1.96 -21.56 10.46
C GLN F 88 3.09 -21.87 9.50
N LEU F 89 4.17 -22.44 10.03
CA LEU F 89 5.29 -22.80 9.20
C LEU F 89 4.90 -23.90 8.20
N ILE F 90 4.40 -25.02 8.70
CA ILE F 90 3.99 -26.15 7.85
C ILE F 90 3.35 -25.71 6.53
N GLN F 91 2.47 -24.71 6.58
CA GLN F 91 1.78 -24.21 5.39
C GLN F 91 2.57 -23.21 4.52
N ASN F 92 3.36 -22.33 5.14
CA ASN F 92 4.16 -21.34 4.42
C ASN F 92 5.10 -21.98 3.41
N ILE F 93 5.22 -23.30 3.44
CA ILE F 93 6.10 -23.98 2.53
C ILE F 93 5.50 -25.29 2.03
N SER F 94 4.39 -25.69 2.66
CA SER F 94 3.71 -26.92 2.31
C SER F 94 3.76 -27.25 0.80
N PRO F 95 3.48 -26.26 -0.07
CA PRO F 95 3.51 -26.48 -1.52
C PRO F 95 4.86 -26.91 -2.10
N GLU F 96 5.94 -26.46 -1.47
CA GLU F 96 7.28 -26.81 -1.92
C GLU F 96 7.63 -28.22 -1.43
N ILE F 97 7.07 -28.57 -0.29
CA ILE F 97 7.29 -29.89 0.26
C ILE F 97 6.74 -30.89 -0.75
N ASN F 98 5.47 -30.70 -1.13
CA ASN F 98 4.81 -31.57 -2.10
C ASN F 98 5.45 -31.38 -3.47
N ASP F 99 5.93 -30.16 -3.73
CA ASP F 99 6.58 -29.85 -4.98
C ASP F 99 7.80 -30.76 -5.11
N ILE F 100 8.67 -30.72 -4.11
CA ILE F 100 9.88 -31.53 -4.13
C ILE F 100 9.54 -33.02 -4.20
N LEU F 101 8.55 -33.44 -3.41
CA LEU F 101 8.13 -34.85 -3.38
C LEU F 101 7.56 -35.28 -4.72
N SER F 102 7.63 -34.39 -5.70
CA SER F 102 7.15 -34.68 -7.04
C SER F 102 8.37 -34.93 -7.91
N ILE F 103 9.43 -34.18 -7.67
CA ILE F 103 10.66 -34.38 -8.42
C ILE F 103 10.97 -35.85 -8.33
N GLU F 104 11.62 -36.37 -9.36
CA GLU F 104 11.95 -37.79 -9.41
C GLU F 104 13.45 -38.05 -9.29
N GLU F 105 14.24 -37.23 -9.97
CA GLU F 105 15.68 -37.36 -10.00
C GLU F 105 16.36 -37.59 -8.64
N MSE F 106 16.50 -36.52 -7.85
CA MSE F 106 17.17 -36.59 -6.55
C MSE F 106 16.77 -37.75 -5.63
O MSE F 106 15.59 -38.08 -5.47
CB MSE F 106 17.03 -35.26 -5.80
CG MSE F 106 15.64 -34.98 -5.23
SE MSE F 106 15.61 -33.50 -3.96
CE MSE F 106 14.95 -32.09 -5.11
N ALA F 107 17.79 -38.38 -5.01
CA ALA F 107 17.60 -39.51 -4.11
C ALA F 107 16.71 -39.11 -2.94
N GLU F 108 16.46 -40.07 -2.05
CA GLU F 108 15.62 -39.81 -0.89
C GLU F 108 16.39 -39.04 0.19
N ASP F 109 17.71 -39.26 0.28
CA ASP F 109 18.52 -38.55 1.27
C ASP F 109 18.69 -37.07 0.88
N GLU F 110 18.65 -36.81 -0.43
CA GLU F 110 18.78 -35.45 -0.93
C GLU F 110 17.47 -34.71 -0.67
N VAL F 111 16.37 -35.47 -0.66
CA VAL F 111 15.07 -34.89 -0.40
C VAL F 111 15.01 -34.34 1.02
N LYS F 112 15.19 -35.22 2.01
CA LYS F 112 15.16 -34.80 3.41
C LYS F 112 16.07 -33.60 3.62
N ASN F 113 17.26 -33.66 3.01
CA ASN F 113 18.24 -32.58 3.12
C ASN F 113 17.58 -31.27 2.68
N LYS F 114 17.06 -31.28 1.45
CA LYS F 114 16.40 -30.10 0.90
C LYS F 114 15.28 -29.64 1.81
N ILE F 115 14.52 -30.61 2.30
CA ILE F 115 13.39 -30.39 3.19
C ILE F 115 13.80 -29.79 4.52
N LEU F 116 14.87 -30.34 5.08
CA LEU F 116 15.38 -29.86 6.35
C LEU F 116 15.78 -28.42 6.17
N ARG F 117 16.83 -28.18 5.37
CA ARG F 117 17.30 -26.82 5.12
C ARG F 117 16.11 -25.88 4.95
N LEU F 118 15.02 -26.39 4.41
CA LEU F 118 13.81 -25.60 4.24
C LEU F 118 13.26 -25.26 5.62
N ILE F 119 13.18 -26.24 6.51
CA ILE F 119 12.66 -25.98 7.83
C ILE F 119 13.51 -25.02 8.66
N THR F 120 14.79 -24.87 8.31
CA THR F 120 15.64 -23.94 9.06
C THR F 120 15.46 -22.56 8.44
N LYS F 121 14.99 -22.54 7.19
CA LYS F 121 14.73 -21.29 6.48
C LYS F 121 13.65 -20.52 7.22
N GLU F 122 12.42 -20.98 7.11
CA GLU F 122 11.29 -20.32 7.78
C GLU F 122 11.62 -19.98 9.22
N ALA F 123 12.17 -20.94 9.95
CA ALA F 123 12.53 -20.75 11.35
C ALA F 123 13.29 -19.46 11.65
N SER F 124 14.20 -19.07 10.76
CA SER F 124 15.04 -17.87 10.96
C SER F 124 14.35 -16.52 10.64
N LEU F 125 13.57 -16.46 9.55
CA LEU F 125 12.90 -15.21 9.18
C LEU F 125 11.61 -14.99 9.97
N LEU F 126 10.93 -16.08 10.34
CA LEU F 126 9.70 -15.96 11.11
C LEU F 126 9.96 -15.79 12.62
N THR F 127 11.23 -15.73 13.00
CA THR F 127 11.58 -15.52 14.41
C THR F 127 12.53 -14.32 14.52
N ASP F 128 12.59 -13.54 13.45
CA ASP F 128 13.43 -12.34 13.41
C ASP F 128 12.54 -11.10 13.43
N LYS F 134 4.14 -10.86 14.85
CA LYS F 134 4.67 -9.87 13.92
C LYS F 134 3.99 -9.96 12.54
N SER F 135 4.73 -10.47 11.56
CA SER F 135 4.20 -10.58 10.21
C SER F 135 3.33 -11.80 9.91
N VAL F 136 2.30 -12.04 10.72
CA VAL F 136 1.42 -13.18 10.50
C VAL F 136 0.34 -12.82 9.45
N VAL F 137 0.54 -13.26 8.21
CA VAL F 137 -0.40 -12.96 7.11
C VAL F 137 -1.25 -14.13 6.65
N THR F 138 -2.13 -13.91 5.69
CA THR F 138 -2.99 -15.01 5.27
C THR F 138 -3.52 -14.86 3.83
N GLU F 139 -2.63 -15.04 2.88
CA GLU F 139 -3.00 -14.91 1.50
C GLU F 139 -4.39 -15.35 1.10
N LEU F 140 -5.42 -14.67 1.60
CA LEU F 140 -6.78 -15.03 1.25
C LEU F 140 -7.25 -14.96 -0.21
N TRP F 141 -6.31 -15.15 -1.12
CA TRP F 141 -6.62 -15.41 -2.52
C TRP F 141 -5.43 -15.53 -3.35
N LYS F 142 -5.57 -16.16 -4.51
CA LYS F 142 -4.37 -16.32 -5.25
C LYS F 142 -4.52 -16.00 -6.67
N PHE F 143 -3.99 -14.86 -7.10
CA PHE F 143 -4.13 -14.49 -8.49
C PHE F 143 -2.91 -14.89 -9.28
N GLU F 144 -3.05 -15.08 -10.58
CA GLU F 144 -1.87 -15.47 -11.35
C GLU F 144 -0.99 -14.24 -11.60
N ASP F 145 -1.50 -13.07 -11.23
CA ASP F 145 -0.81 -11.81 -11.39
C ASP F 145 0.23 -11.59 -10.28
N LYS F 146 1.37 -10.98 -10.62
CA LYS F 146 2.36 -10.74 -9.59
C LYS F 146 1.80 -9.69 -8.67
N ASP F 147 1.57 -8.49 -9.16
CA ASP F 147 1.04 -7.44 -8.30
C ASP F 147 -0.45 -7.48 -8.32
N ARG F 148 -1.08 -7.69 -7.18
CA ARG F 148 -2.55 -7.80 -7.07
C ARG F 148 -2.77 -8.78 -5.94
N PHE F 149 -3.47 -8.39 -4.91
CA PHE F 149 -3.55 -9.26 -3.80
C PHE F 149 -4.59 -8.85 -2.82
N ALA F 150 -4.89 -9.82 -1.97
CA ALA F 150 -5.87 -9.75 -0.90
C ALA F 150 -5.19 -10.47 0.28
N ARG F 151 -5.20 -9.90 1.47
CA ARG F 151 -4.53 -10.56 2.55
C ARG F 151 -5.09 -10.09 3.85
N LYS F 152 -4.89 -10.88 4.88
CA LYS F 152 -5.36 -10.51 6.20
C LYS F 152 -4.09 -10.52 6.98
N ARG F 153 -4.00 -9.64 7.98
CA ARG F 153 -2.82 -9.59 8.79
C ARG F 153 -3.22 -9.41 10.24
N VAL F 154 -2.63 -10.24 11.11
CA VAL F 154 -2.89 -10.19 12.55
C VAL F 154 -1.60 -9.90 13.27
N LYS F 155 -1.72 -9.09 14.32
CA LYS F 155 -0.58 -8.71 15.14
C LYS F 155 -1.14 -8.35 16.50
N GLY F 156 -0.55 -8.91 17.54
CA GLY F 156 -1.02 -8.61 18.88
C GLY F 156 -2.53 -8.49 18.88
N ARG F 157 -3.02 -7.42 19.53
CA ARG F 157 -4.45 -7.20 19.64
C ARG F 157 -5.09 -6.42 18.46
N ALA F 158 -4.55 -6.63 17.27
CA ALA F 158 -5.09 -5.94 16.11
C ALA F 158 -4.95 -6.70 14.80
N PHE F 159 -6.00 -6.63 14.01
CA PHE F 159 -6.00 -7.29 12.73
C PHE F 159 -6.35 -6.28 11.65
N SER F 160 -6.05 -6.66 10.42
CA SER F 160 -6.33 -5.77 9.35
C SER F 160 -6.32 -6.53 8.03
N TYR F 161 -7.18 -6.11 7.12
CA TYR F 161 -7.22 -6.75 5.83
C TYR F 161 -6.56 -5.78 4.87
N GLU F 162 -6.02 -6.29 3.77
CA GLU F 162 -5.37 -5.44 2.82
C GLU F 162 -5.43 -6.04 1.43
N PHE F 163 -6.11 -5.33 0.54
CA PHE F 163 -6.25 -5.74 -0.83
C PHE F 163 -5.52 -4.75 -1.70
N ASN F 164 -5.33 -5.12 -2.94
CA ASN F 164 -4.67 -4.21 -3.79
C ASN F 164 -5.03 -4.60 -5.22
N ARG F 165 -5.28 -3.61 -6.09
CA ARG F 165 -5.63 -3.84 -7.47
C ARG F 165 -6.85 -4.74 -7.65
N LEU F 166 -8.01 -4.31 -7.18
CA LEU F 166 -9.17 -5.13 -7.41
C LEU F 166 -10.20 -4.14 -7.87
N SER F 167 -11.27 -4.66 -8.49
CA SER F 167 -12.35 -3.83 -9.01
C SER F 167 -12.93 -2.82 -8.04
N LYS F 168 -13.13 -1.61 -8.54
CA LYS F 168 -13.69 -0.57 -7.70
C LYS F 168 -15.03 -1.00 -7.14
N GLU F 169 -15.70 -1.86 -7.86
CA GLU F 169 -16.99 -2.39 -7.40
C GLU F 169 -16.69 -3.20 -6.14
N LEU F 170 -15.69 -4.05 -6.27
CA LEU F 170 -15.30 -4.90 -5.18
C LEU F 170 -14.99 -4.06 -3.99
N GLN F 171 -14.23 -3.02 -4.25
CA GLN F 171 -13.86 -2.19 -3.14
C GLN F 171 -15.16 -1.74 -2.59
N GLU F 172 -16.01 -1.25 -3.49
CA GLU F 172 -17.32 -0.74 -3.13
C GLU F 172 -17.92 -1.75 -2.18
N GLU F 173 -18.38 -2.84 -2.77
CA GLU F 173 -19.00 -3.95 -2.08
C GLU F 173 -18.36 -4.20 -0.73
N LEU F 174 -17.04 -4.25 -0.75
CA LEU F 174 -16.27 -4.53 0.44
C LEU F 174 -16.35 -3.46 1.54
N ASP F 175 -16.60 -2.23 1.13
CA ASP F 175 -16.71 -1.10 2.05
C ASP F 175 -18.04 -1.21 2.77
N ARG F 176 -19.07 -1.18 1.94
CA ARG F 176 -20.47 -1.28 2.30
C ARG F 176 -20.67 -2.27 3.46
N MSE F 177 -20.16 -3.48 3.26
CA MSE F 177 -20.30 -4.55 4.25
C MSE F 177 -19.71 -4.23 5.60
O MSE F 177 -20.43 -4.05 6.57
CB MSE F 177 -19.66 -5.82 3.70
CG MSE F 177 -20.52 -7.11 3.84
SE MSE F 177 -20.79 -7.82 5.65
CE MSE F 177 -18.96 -8.19 6.06
N ILE F 178 -18.39 -4.20 5.67
CA ILE F 178 -17.71 -3.94 6.93
C ILE F 178 -18.35 -2.78 7.66
N GLY F 179 -18.81 -1.78 6.91
CA GLY F 179 -19.45 -0.65 7.57
C GLY F 179 -20.62 -1.16 8.41
N HIS F 180 -21.33 -2.14 7.86
CA HIS F 180 -22.46 -2.71 8.53
C HIS F 180 -22.08 -3.47 9.81
N ILE F 181 -21.39 -4.59 9.63
CA ILE F 181 -20.97 -5.45 10.73
C ILE F 181 -20.59 -4.66 11.97
N LEU F 182 -20.16 -3.43 11.76
CA LEU F 182 -19.80 -2.56 12.85
C LEU F 182 -21.13 -1.94 13.30
N ARG F 183 -21.84 -1.36 12.35
CA ARG F 183 -23.13 -0.77 12.64
C ARG F 183 -23.92 -1.78 13.47
N LYS F 184 -23.70 -3.07 13.21
CA LYS F 184 -24.39 -4.10 13.98
C LYS F 184 -23.69 -4.15 15.35
N SER F 185 -23.71 -3.00 16.02
CA SER F 185 -23.13 -2.79 17.36
C SER F 185 -23.37 -1.35 17.84
#